data_5T9F
#
_entry.id   5T9F
#
_cell.length_a   46.445
_cell.length_b   55.046
_cell.length_c   68.387
_cell.angle_alpha   107.82
_cell.angle_beta   99.56
_cell.angle_gamma   102.58
#
_symmetry.space_group_name_H-M   'P 1'
#
loop_
_entity.id
_entity.type
_entity.pdbx_description
1 polymer 'Prephenate dehydrogenase 1'
2 non-polymer 'NADP NICOTINAMIDE-ADENINE-DINUCLEOTIDE PHOSPHATE'
3 non-polymer TYROSINE
4 water water
#
_entity_poly.entity_id   1
_entity_poly.type   'polypeptide(L)'
_entity_poly.pdbx_seq_one_letter_code
;MSTSSSSQSLKIGIVGFGNFGQFLAKTMIKQGHTLTATSRSDYSELCLQMGIHFFRDVSAFLTADIDVIVLCTSILSLSE
VVGSMPLTSLKRPTLFVDVLSVKEHPRELLLRELPEDSDILCTHPMFGPQTAKNGWTDHTFMYDKVRIRDEVICSNFIQI
FATEGCKMVQMSCEEHDRAAAKSQFITHTIGRTLGEMDIQSTPIDTKGFETLVKLKETMMRDSFDLYSGLFVYNRFARQE
LENLEHALHKVKETLMIQRTNGEQGHKRTES
;
_entity_poly.pdbx_strand_id   A,B
#
loop_
_chem_comp.id
_chem_comp.type
_chem_comp.name
_chem_comp.formula
NAP non-polymer 'NADP NICOTINAMIDE-ADENINE-DINUCLEOTIDE PHOSPHATE' 'C21 H28 N7 O17 P3'
#
# COMPACT_ATOMS: atom_id res chain seq x y z
N SER A 9 -10.19 -5.29 27.92
CA SER A 9 -9.13 -4.85 27.02
C SER A 9 -8.37 -6.06 26.45
N LEU A 10 -8.26 -6.12 25.12
CA LEU A 10 -7.67 -7.26 24.43
C LEU A 10 -6.47 -6.80 23.60
N LYS A 11 -5.48 -7.68 23.49
CA LYS A 11 -4.39 -7.49 22.54
C LYS A 11 -4.80 -8.16 21.23
N ILE A 12 -5.11 -7.34 20.23
CA ILE A 12 -5.71 -7.79 18.98
C ILE A 12 -4.72 -7.52 17.86
N GLY A 13 -4.35 -8.56 17.12
CA GLY A 13 -3.51 -8.43 15.93
C GLY A 13 -4.33 -8.63 14.65
N ILE A 14 -4.22 -7.68 13.74
CA ILE A 14 -4.89 -7.73 12.44
C ILE A 14 -3.93 -8.32 11.41
N VAL A 15 -4.36 -9.35 10.69
CA VAL A 15 -3.62 -9.90 9.56
C VAL A 15 -4.34 -9.50 8.28
N GLY A 16 -3.69 -8.65 7.47
CA GLY A 16 -4.35 -8.07 6.31
C GLY A 16 -4.94 -6.72 6.64
N PHE A 17 -4.15 -5.67 6.48
CA PHE A 17 -4.51 -4.33 6.96
C PHE A 17 -4.97 -3.45 5.82
N GLY A 18 -5.85 -4.02 5.00
CA GLY A 18 -6.47 -3.32 3.90
C GLY A 18 -7.71 -2.59 4.35
N ASN A 19 -8.59 -2.35 3.37
N ASN A 19 -8.60 -2.35 3.39
CA ASN A 19 -9.78 -1.52 3.55
CA ASN A 19 -9.75 -1.47 3.63
C ASN A 19 -10.61 -1.94 4.76
C ASN A 19 -10.59 -1.94 4.82
N PHE A 20 -10.92 -3.23 4.88
CA PHE A 20 -11.76 -3.67 5.98
C PHE A 20 -10.95 -3.87 7.26
N GLY A 21 -9.70 -4.33 7.15
CA GLY A 21 -8.84 -4.35 8.33
C GLY A 21 -8.76 -3.00 9.02
N GLN A 22 -8.53 -1.93 8.25
CA GLN A 22 -8.43 -0.59 8.82
C GLN A 22 -9.77 -0.16 9.41
N PHE A 23 -10.87 -0.48 8.71
CA PHE A 23 -12.20 -0.17 9.22
C PHE A 23 -12.41 -0.78 10.60
N LEU A 24 -12.13 -2.06 10.76
CA LEU A 24 -12.30 -2.67 12.07
C LEU A 24 -11.36 -2.06 13.09
N ALA A 25 -10.13 -1.73 12.66
CA ALA A 25 -9.13 -1.27 13.62
C ALA A 25 -9.57 0.03 14.28
N LYS A 26 -10.17 0.95 13.52
CA LYS A 26 -10.58 2.24 14.08
C LYS A 26 -11.49 2.06 15.28
N THR A 27 -12.46 1.15 15.17
CA THR A 27 -13.43 1.02 16.25
C THR A 27 -12.83 0.26 17.43
N MET A 28 -12.02 -0.78 17.17
CA MET A 28 -11.39 -1.49 18.27
C MET A 28 -10.41 -0.60 19.02
N ILE A 29 -9.69 0.28 18.32
CA ILE A 29 -8.84 1.25 19.02
C ILE A 29 -9.68 2.15 19.91
N LYS A 30 -10.79 2.65 19.37
CA LYS A 30 -11.66 3.56 20.13
C LYS A 30 -12.09 2.93 21.45
N GLN A 31 -12.36 1.62 21.47
CA GLN A 31 -12.78 0.94 22.69
C GLN A 31 -11.63 0.64 23.65
N GLY A 32 -10.39 0.93 23.30
CA GLY A 32 -9.29 0.77 24.23
C GLY A 32 -8.49 -0.51 24.11
N HIS A 33 -8.79 -1.35 23.12
CA HIS A 33 -7.96 -2.52 22.86
C HIS A 33 -6.62 -2.09 22.28
N THR A 34 -5.62 -2.96 22.43
CA THR A 34 -4.27 -2.72 21.93
C THR A 34 -4.12 -3.42 20.58
N LEU A 35 -4.00 -2.64 19.52
CA LEU A 35 -4.03 -3.16 18.16
C LEU A 35 -2.62 -3.21 17.58
N THR A 36 -2.29 -4.34 16.94
CA THR A 36 -1.11 -4.43 16.08
C THR A 36 -1.56 -5.01 14.75
N ALA A 37 -0.71 -4.89 13.72
CA ALA A 37 -1.08 -5.36 12.40
C ALA A 37 0.12 -5.93 11.66
N THR A 38 -0.17 -6.77 10.68
CA THR A 38 0.81 -7.27 9.72
C THR A 38 0.08 -7.46 8.39
N SER A 39 0.82 -7.42 7.29
CA SER A 39 0.14 -7.47 5.99
C SER A 39 1.17 -7.69 4.90
N ARG A 40 0.68 -8.08 3.71
CA ARG A 40 1.57 -8.23 2.55
C ARG A 40 2.22 -6.92 2.18
N SER A 41 1.43 -5.84 2.07
CA SER A 41 1.96 -4.53 1.74
C SER A 41 2.39 -3.80 3.02
N ASP A 42 3.18 -2.75 2.85
CA ASP A 42 3.78 -2.05 3.98
C ASP A 42 2.85 -0.92 4.43
N TYR A 43 2.29 -1.04 5.63
CA TYR A 43 1.43 0.00 6.18
C TYR A 43 2.09 0.71 7.36
N SER A 44 3.42 0.78 7.36
CA SER A 44 4.15 1.44 8.45
C SER A 44 3.65 2.86 8.69
N GLU A 45 3.55 3.68 7.65
CA GLU A 45 3.17 5.08 7.85
C GLU A 45 1.72 5.20 8.32
N LEU A 46 0.81 4.42 7.75
CA LEU A 46 -0.57 4.56 8.16
C LEU A 46 -0.75 4.10 9.61
N CYS A 47 -0.04 3.03 10.00
CA CYS A 47 -0.06 2.59 11.40
C CYS A 47 0.57 3.62 12.32
N LEU A 48 1.64 4.28 11.87
CA LEU A 48 2.20 5.39 12.63
C LEU A 48 1.13 6.46 12.85
N GLN A 49 0.45 6.85 11.77
CA GLN A 49 -0.61 7.85 11.84
C GLN A 49 -1.68 7.44 12.84
N MET A 50 -2.11 6.18 12.77
CA MET A 50 -3.18 5.67 13.63
C MET A 50 -2.70 5.36 15.04
N GLY A 51 -1.40 5.27 15.26
CA GLY A 51 -0.86 5.03 16.58
C GLY A 51 -0.73 3.58 16.97
N ILE A 52 -0.57 2.66 16.01
CA ILE A 52 -0.45 1.23 16.30
C ILE A 52 0.83 0.69 15.69
N HIS A 53 1.29 -0.45 16.19
CA HIS A 53 2.54 -1.03 15.70
C HIS A 53 2.27 -1.94 14.51
N PHE A 54 2.99 -1.71 13.42
CA PHE A 54 2.92 -2.56 12.24
C PHE A 54 4.15 -3.46 12.19
N PHE A 55 3.94 -4.74 11.89
CA PHE A 55 5.03 -5.71 11.77
C PHE A 55 5.22 -6.03 10.30
N ARG A 56 6.32 -5.56 9.71
CA ARG A 56 6.62 -5.95 8.34
C ARG A 56 6.84 -7.46 8.21
N ASP A 57 7.19 -8.14 9.30
CA ASP A 57 7.56 -9.55 9.28
C ASP A 57 6.54 -10.35 10.08
N VAL A 58 5.84 -11.27 9.40
CA VAL A 58 4.79 -12.03 10.05
C VAL A 58 5.33 -12.84 11.23
N SER A 59 6.60 -13.24 11.16
CA SER A 59 7.17 -14.02 12.27
C SER A 59 7.25 -13.21 13.55
N ALA A 60 7.58 -11.91 13.46
CA ALA A 60 7.62 -11.09 14.66
C ALA A 60 6.21 -10.80 15.18
N PHE A 61 5.26 -10.64 14.26
CA PHE A 61 3.86 -10.48 14.63
C PHE A 61 3.36 -11.66 15.47
N LEU A 62 3.71 -12.88 15.07
CA LEU A 62 3.18 -14.09 15.70
C LEU A 62 3.86 -14.44 17.01
N THR A 63 5.08 -13.96 17.27
CA THR A 63 5.73 -14.22 18.55
C THR A 63 5.40 -13.14 19.58
N ALA A 64 4.66 -12.11 19.19
CA ALA A 64 4.30 -11.03 20.09
C ALA A 64 3.27 -11.50 21.13
N ASP A 65 3.00 -10.61 22.08
CA ASP A 65 2.00 -10.85 23.12
C ASP A 65 0.61 -10.55 22.53
N ILE A 66 -0.17 -11.58 22.27
CA ILE A 66 -1.38 -11.39 21.47
C ILE A 66 -2.46 -12.37 21.94
N ASP A 67 -3.65 -11.83 22.19
CA ASP A 67 -4.80 -12.62 22.60
C ASP A 67 -5.67 -13.08 21.43
N VAL A 68 -5.82 -12.25 20.39
CA VAL A 68 -6.73 -12.52 19.29
C VAL A 68 -6.05 -12.15 17.98
N ILE A 69 -6.11 -13.06 17.01
CA ILE A 69 -5.64 -12.80 15.66
C ILE A 69 -6.87 -12.74 14.75
N VAL A 70 -7.06 -11.62 14.07
CA VAL A 70 -8.20 -11.40 13.18
C VAL A 70 -7.72 -11.47 11.74
N LEU A 71 -8.20 -12.48 11.00
CA LEU A 71 -7.81 -12.69 9.60
C LEU A 71 -8.71 -11.83 8.73
N CYS A 72 -8.16 -10.71 8.22
CA CYS A 72 -8.89 -9.75 7.40
C CYS A 72 -8.37 -9.71 5.97
N THR A 73 -7.70 -10.76 5.53
CA THR A 73 -7.25 -10.84 4.15
C THR A 73 -8.42 -11.24 3.25
N SER A 74 -8.23 -11.06 1.94
CA SER A 74 -9.25 -11.41 0.97
C SER A 74 -9.57 -12.90 1.01
N ILE A 75 -10.85 -13.23 0.74
CA ILE A 75 -11.27 -14.62 0.60
C ILE A 75 -10.32 -15.39 -0.31
N LEU A 76 -9.99 -14.80 -1.47
CA LEU A 76 -9.17 -15.51 -2.44
C LEU A 76 -7.81 -15.88 -1.87
N SER A 77 -7.26 -15.06 -0.98
CA SER A 77 -5.88 -15.24 -0.54
C SER A 77 -5.74 -15.97 0.79
N LEU A 78 -6.84 -16.27 1.48
CA LEU A 78 -6.75 -16.81 2.83
C LEU A 78 -5.84 -18.04 2.90
N SER A 79 -5.98 -18.96 1.95
CA SER A 79 -5.22 -20.20 2.02
C SER A 79 -3.72 -19.92 1.92
N GLU A 80 -3.32 -19.10 0.96
CA GLU A 80 -1.92 -18.70 0.82
C GLU A 80 -1.43 -17.99 2.08
N VAL A 81 -2.23 -17.08 2.65
CA VAL A 81 -1.78 -16.32 3.81
C VAL A 81 -1.57 -17.26 4.99
N VAL A 82 -2.58 -18.07 5.31
CA VAL A 82 -2.43 -19.03 6.41
C VAL A 82 -1.26 -19.96 6.15
N GLY A 83 -1.04 -20.34 4.89
CA GLY A 83 0.05 -21.26 4.57
C GLY A 83 1.42 -20.66 4.80
N SER A 84 1.54 -19.34 4.70
CA SER A 84 2.82 -18.65 4.89
C SER A 84 3.10 -18.31 6.35
N MET A 85 2.18 -18.62 7.27
CA MET A 85 2.35 -18.20 8.64
C MET A 85 3.04 -19.29 9.44
N PRO A 86 4.18 -18.94 10.26
CA PRO A 86 4.83 -19.95 11.12
C PRO A 86 4.05 -20.14 12.42
N LEU A 87 2.92 -20.82 12.31
CA LEU A 87 1.94 -20.90 13.40
C LEU A 87 2.47 -21.64 14.63
N THR A 88 3.48 -22.49 14.47
CA THR A 88 4.08 -23.16 15.61
C THR A 88 4.85 -22.20 16.52
N SER A 89 5.17 -21.01 16.02
CA SER A 89 5.87 -19.98 16.79
C SER A 89 4.96 -19.24 17.77
N LEU A 90 3.65 -19.50 17.74
CA LEU A 90 2.75 -18.83 18.68
C LEU A 90 3.16 -19.13 20.11
N LYS A 91 3.27 -18.08 20.93
CA LYS A 91 3.67 -18.26 22.32
C LYS A 91 2.67 -19.08 23.10
N ARG A 92 1.39 -18.90 22.83
CA ARG A 92 0.30 -19.41 23.62
C ARG A 92 -0.80 -19.88 22.67
N PRO A 93 -1.68 -20.74 23.16
CA PRO A 93 -2.95 -20.93 22.45
C PRO A 93 -3.58 -19.57 22.21
N THR A 94 -4.10 -19.35 21.00
CA THR A 94 -4.54 -18.03 20.59
C THR A 94 -5.83 -18.14 19.80
N LEU A 95 -6.75 -17.21 20.05
CA LEU A 95 -8.04 -17.20 19.36
C LEU A 95 -7.85 -16.63 17.96
N PHE A 96 -8.27 -17.39 16.96
CA PHE A 96 -8.26 -16.96 15.57
C PHE A 96 -9.67 -16.57 15.17
N VAL A 97 -9.83 -15.36 14.64
CA VAL A 97 -11.12 -14.86 14.19
C VAL A 97 -10.97 -14.54 12.71
N ASP A 98 -11.90 -15.02 11.89
CA ASP A 98 -11.93 -14.61 10.50
C ASP A 98 -13.16 -13.75 10.25
N VAL A 99 -13.05 -12.80 9.33
CA VAL A 99 -14.16 -11.90 9.02
C VAL A 99 -14.54 -11.97 7.54
N LEU A 100 -14.17 -13.06 6.87
CA LEU A 100 -14.44 -13.21 5.44
C LEU A 100 -15.93 -13.16 5.16
N SER A 101 -16.28 -12.76 3.93
CA SER A 101 -17.67 -12.65 3.52
C SER A 101 -18.35 -13.99 3.28
N VAL A 102 -17.56 -15.06 3.12
CA VAL A 102 -18.09 -16.42 3.04
C VAL A 102 -17.54 -17.18 4.23
N LYS A 103 -18.28 -18.20 4.68
CA LYS A 103 -17.95 -18.78 5.97
C LYS A 103 -17.59 -20.27 5.95
N GLU A 104 -18.17 -21.06 5.04
CA GLU A 104 -17.78 -22.47 5.00
C GLU A 104 -16.29 -22.63 4.68
N HIS A 105 -15.77 -21.81 3.75
CA HIS A 105 -14.37 -21.95 3.37
C HIS A 105 -13.42 -21.69 4.54
N PRO A 106 -13.48 -20.55 5.22
CA PRO A 106 -12.51 -20.35 6.33
C PRO A 106 -12.72 -21.34 7.48
N ARG A 107 -13.95 -21.79 7.73
CA ARG A 107 -14.16 -22.79 8.77
C ARG A 107 -13.40 -24.06 8.44
N GLU A 108 -13.58 -24.58 7.23
CA GLU A 108 -12.93 -25.82 6.83
C GLU A 108 -11.42 -25.67 6.86
N LEU A 109 -10.90 -24.55 6.38
CA LEU A 109 -9.46 -24.42 6.20
C LEU A 109 -8.76 -24.15 7.53
N LEU A 110 -9.39 -23.38 8.43
CA LEU A 110 -8.77 -23.13 9.72
C LEU A 110 -8.80 -24.40 10.59
N LEU A 111 -9.91 -25.14 10.57
CA LEU A 111 -9.92 -26.42 11.29
C LEU A 111 -8.82 -27.34 10.79
N ARG A 112 -8.54 -27.31 9.49
CA ARG A 112 -7.49 -28.16 8.93
C ARG A 112 -6.09 -27.64 9.24
N GLU A 113 -5.88 -26.32 9.16
CA GLU A 113 -4.52 -25.80 9.15
C GLU A 113 -4.03 -25.27 10.49
N LEU A 114 -4.92 -24.80 11.36
CA LEU A 114 -4.45 -24.19 12.59
C LEU A 114 -3.93 -25.26 13.54
N PRO A 115 -3.00 -24.90 14.43
CA PRO A 115 -2.70 -25.81 15.56
C PRO A 115 -3.98 -26.09 16.33
N GLU A 116 -4.11 -27.34 16.79
CA GLU A 116 -5.38 -27.79 17.35
C GLU A 116 -5.78 -27.00 18.60
N ASP A 117 -4.81 -26.50 19.36
CA ASP A 117 -5.17 -25.81 20.60
C ASP A 117 -5.50 -24.34 20.40
N SER A 118 -5.45 -23.84 19.16
CA SER A 118 -5.92 -22.49 18.86
C SER A 118 -7.43 -22.51 18.64
N ASP A 119 -8.13 -21.56 19.28
CA ASP A 119 -9.57 -21.46 19.11
C ASP A 119 -9.92 -20.81 17.77
N ILE A 120 -11.13 -21.11 17.28
CA ILE A 120 -11.59 -20.60 15.99
C ILE A 120 -12.95 -19.92 16.18
N LEU A 121 -13.06 -18.67 15.74
CA LEU A 121 -14.34 -17.97 15.73
C LEU A 121 -14.56 -17.40 14.35
N CYS A 122 -15.58 -17.90 13.65
CA CYS A 122 -15.85 -17.53 12.26
C CYS A 122 -16.97 -16.50 12.25
N THR A 123 -16.68 -15.30 11.74
CA THR A 123 -17.65 -14.22 11.73
C THR A 123 -17.78 -13.62 10.34
N HIS A 124 -18.88 -12.89 10.17
CA HIS A 124 -19.09 -12.00 9.04
C HIS A 124 -19.80 -10.77 9.57
N PRO A 125 -19.09 -9.68 9.80
CA PRO A 125 -19.75 -8.39 10.00
C PRO A 125 -20.39 -7.97 8.69
N MET A 126 -21.73 -7.96 8.64
N MET A 126 -21.71 -7.96 8.61
CA MET A 126 -22.47 -7.70 7.38
CA MET A 126 -22.38 -7.70 7.35
C MET A 126 -22.52 -6.23 7.03
C MET A 126 -22.55 -6.19 7.15
N PHE A 127 -21.42 -5.52 7.23
CA PHE A 127 -21.38 -4.07 7.07
C PHE A 127 -19.92 -3.69 6.87
N GLY A 128 -19.71 -2.44 6.46
CA GLY A 128 -18.37 -1.93 6.29
C GLY A 128 -18.37 -0.44 5.98
N PRO A 129 -17.29 0.03 5.33
CA PRO A 129 -17.12 1.48 5.14
C PRO A 129 -18.25 2.14 4.35
N GLN A 130 -18.94 1.42 3.48
CA GLN A 130 -20.02 2.06 2.72
C GLN A 130 -21.30 2.19 3.53
N THR A 131 -21.70 1.14 4.25
CA THR A 131 -22.99 1.16 4.94
C THR A 131 -22.91 1.59 6.39
N ALA A 132 -21.73 1.57 7.00
CA ALA A 132 -21.63 1.82 8.44
C ALA A 132 -20.60 2.91 8.72
N LYS A 133 -20.69 4.02 7.99
CA LYS A 133 -19.70 5.09 8.15
C LYS A 133 -19.78 5.72 9.54
N ASN A 134 -21.00 5.92 10.04
CA ASN A 134 -21.22 6.64 11.29
C ASN A 134 -21.62 5.70 12.42
N GLY A 135 -21.14 4.47 12.37
CA GLY A 135 -21.30 3.54 13.48
C GLY A 135 -21.91 2.23 13.04
N TRP A 136 -21.89 1.30 13.98
CA TRP A 136 -22.29 -0.08 13.71
C TRP A 136 -23.71 -0.37 14.13
N THR A 137 -24.40 0.60 14.77
CA THR A 137 -25.69 0.33 15.38
C THR A 137 -26.67 -0.23 14.36
N ASP A 138 -27.36 -1.30 14.75
CA ASP A 138 -28.39 -1.98 13.98
C ASP A 138 -27.88 -2.70 12.73
N HIS A 139 -26.57 -2.73 12.47
CA HIS A 139 -26.05 -3.62 11.45
C HIS A 139 -25.80 -5.01 12.03
N THR A 140 -25.83 -6.01 11.15
CA THR A 140 -25.79 -7.40 11.58
C THR A 140 -24.36 -7.92 11.68
N PHE A 141 -24.07 -8.63 12.77
CA PHE A 141 -22.81 -9.33 12.99
C PHE A 141 -23.13 -10.80 13.14
N MET A 142 -22.73 -11.62 12.17
CA MET A 142 -22.95 -13.05 12.18
C MET A 142 -21.71 -13.74 12.74
N TYR A 143 -21.92 -14.76 13.58
CA TYR A 143 -20.75 -15.48 14.10
C TYR A 143 -21.11 -16.94 14.37
N ASP A 144 -20.07 -17.78 14.30
CA ASP A 144 -20.19 -19.21 14.51
C ASP A 144 -19.03 -19.62 15.41
N LYS A 145 -19.34 -20.07 16.64
CA LYS A 145 -18.32 -20.44 17.61
C LYS A 145 -17.80 -21.83 17.23
N VAL A 146 -16.91 -21.86 16.23
CA VAL A 146 -16.53 -23.12 15.60
C VAL A 146 -15.78 -24.01 16.58
N ARG A 147 -14.78 -23.46 17.28
CA ARG A 147 -13.97 -24.27 18.19
C ARG A 147 -13.49 -23.33 19.30
N ILE A 148 -14.29 -23.24 20.36
CA ILE A 148 -14.01 -22.34 21.48
C ILE A 148 -13.83 -23.19 22.72
N ARG A 149 -12.72 -22.98 23.44
CA ARG A 149 -12.58 -23.46 24.81
C ARG A 149 -12.38 -22.33 25.83
N ASP A 150 -11.72 -21.24 25.44
CA ASP A 150 -11.58 -20.07 26.32
C ASP A 150 -12.78 -19.18 26.03
N GLU A 151 -13.89 -19.45 26.74
CA GLU A 151 -15.09 -18.68 26.49
C GLU A 151 -14.96 -17.24 26.96
N VAL A 152 -14.05 -16.97 27.89
CA VAL A 152 -13.83 -15.59 28.35
C VAL A 152 -13.31 -14.72 27.22
N ILE A 153 -12.23 -15.15 26.57
CA ILE A 153 -11.64 -14.33 25.52
C ILE A 153 -12.60 -14.18 24.35
N CYS A 154 -13.25 -15.28 23.97
CA CYS A 154 -14.22 -15.24 22.88
C CYS A 154 -15.34 -14.25 23.17
N SER A 155 -15.88 -14.29 24.40
CA SER A 155 -16.96 -13.36 24.77
C SER A 155 -16.47 -11.90 24.75
N ASN A 156 -15.25 -11.65 25.22
CA ASN A 156 -14.68 -10.31 25.13
C ASN A 156 -14.62 -9.82 23.69
N PHE A 157 -14.28 -10.71 22.76
CA PHE A 157 -14.19 -10.28 21.36
C PHE A 157 -15.57 -10.01 20.79
N ILE A 158 -16.51 -10.94 20.99
CA ILE A 158 -17.87 -10.77 20.52
C ILE A 158 -18.46 -9.47 21.08
N GLN A 159 -18.11 -9.13 22.32
CA GLN A 159 -18.66 -7.91 22.94
C GLN A 159 -18.22 -6.65 22.21
N ILE A 160 -17.12 -6.71 21.47
CA ILE A 160 -16.71 -5.55 20.65
C ILE A 160 -17.86 -5.13 19.75
N PHE A 161 -18.50 -6.11 19.11
CA PHE A 161 -19.61 -5.81 18.22
C PHE A 161 -20.91 -5.56 18.99
N ALA A 162 -21.14 -6.27 20.09
CA ALA A 162 -22.38 -6.04 20.85
C ALA A 162 -22.43 -4.61 21.40
N THR A 163 -21.33 -4.13 21.98
CA THR A 163 -21.38 -2.78 22.57
C THR A 163 -21.53 -1.69 21.52
N GLU A 164 -21.25 -1.99 20.25
CA GLU A 164 -21.48 -1.02 19.19
C GLU A 164 -22.90 -1.06 18.66
N GLY A 165 -23.77 -1.86 19.26
CA GLY A 165 -25.15 -1.90 18.88
C GLY A 165 -25.49 -2.86 17.76
N CYS A 166 -24.54 -3.71 17.35
CA CYS A 166 -24.82 -4.65 16.26
C CYS A 166 -25.96 -5.59 16.63
N LYS A 167 -26.73 -5.98 15.62
CA LYS A 167 -27.64 -7.11 15.76
C LYS A 167 -26.82 -8.39 15.72
N MET A 168 -26.86 -9.14 16.82
CA MET A 168 -25.98 -10.29 17.00
C MET A 168 -26.69 -11.56 16.57
N VAL A 169 -26.11 -12.28 15.61
CA VAL A 169 -26.74 -13.43 15.00
C VAL A 169 -25.77 -14.61 15.02
N GLN A 170 -26.02 -15.58 15.88
CA GLN A 170 -25.31 -16.85 15.84
C GLN A 170 -25.97 -17.75 14.80
N MET A 171 -25.19 -18.30 13.88
CA MET A 171 -25.70 -19.29 12.95
C MET A 171 -24.51 -20.07 12.41
N SER A 172 -24.80 -21.23 11.81
CA SER A 172 -23.72 -22.04 11.24
C SER A 172 -23.14 -21.36 10.01
N CYS A 173 -21.90 -21.72 9.68
CA CYS A 173 -21.29 -21.18 8.46
C CYS A 173 -22.08 -21.61 7.23
N GLU A 174 -22.66 -22.81 7.24
CA GLU A 174 -23.42 -23.29 6.09
C GLU A 174 -24.68 -22.46 5.87
N GLU A 175 -25.45 -22.21 6.94
CA GLU A 175 -26.65 -21.41 6.80
C GLU A 175 -26.31 -19.99 6.36
N HIS A 176 -25.19 -19.46 6.88
CA HIS A 176 -24.74 -18.16 6.39
C HIS A 176 -24.54 -18.18 4.88
N ASP A 177 -23.77 -19.14 4.37
CA ASP A 177 -23.46 -19.13 2.94
C ASP A 177 -24.71 -19.33 2.10
N ARG A 178 -25.66 -20.17 2.56
CA ARG A 178 -26.91 -20.35 1.83
C ARG A 178 -27.69 -19.05 1.72
N ALA A 179 -27.76 -18.28 2.81
CA ALA A 179 -28.48 -17.02 2.77
C ALA A 179 -27.68 -15.96 2.02
N ALA A 180 -26.37 -15.90 2.25
CA ALA A 180 -25.56 -14.87 1.59
C ALA A 180 -25.56 -15.03 0.08
N ALA A 181 -25.64 -16.27 -0.43
CA ALA A 181 -25.67 -16.48 -1.86
C ALA A 181 -26.92 -15.89 -2.49
N LYS A 182 -28.03 -15.88 -1.74
CA LYS A 182 -29.31 -15.37 -2.24
C LYS A 182 -29.42 -13.85 -2.10
N SER A 183 -28.69 -13.27 -1.17
CA SER A 183 -28.85 -11.86 -0.86
C SER A 183 -27.63 -11.05 -1.30
N GLN A 184 -26.55 -11.13 -0.52
CA GLN A 184 -25.36 -10.35 -0.81
C GLN A 184 -24.81 -10.64 -2.21
N PHE A 185 -24.66 -11.92 -2.56
CA PHE A 185 -24.08 -12.24 -3.86
C PHE A 185 -24.94 -11.72 -5.01
N ILE A 186 -26.26 -11.86 -4.89
CA ILE A 186 -27.15 -11.35 -5.93
C ILE A 186 -27.05 -9.83 -6.00
N THR A 187 -27.01 -9.18 -4.85
CA THR A 187 -26.93 -7.72 -4.81
C THR A 187 -25.67 -7.23 -5.50
N HIS A 188 -24.52 -7.89 -5.21
CA HIS A 188 -23.26 -7.47 -5.83
C HIS A 188 -23.28 -7.73 -7.33
N THR A 189 -23.82 -8.87 -7.75
CA THR A 189 -23.89 -9.18 -9.17
C THR A 189 -24.71 -8.14 -9.92
N ILE A 190 -25.81 -7.70 -9.32
CA ILE A 190 -26.63 -6.67 -9.95
C ILE A 190 -25.89 -5.34 -9.96
N GLY A 191 -25.25 -4.97 -8.84
CA GLY A 191 -24.43 -3.77 -8.81
C GLY A 191 -23.32 -3.78 -9.85
N ARG A 192 -22.62 -4.91 -9.98
CA ARG A 192 -21.53 -5.05 -10.94
C ARG A 192 -22.05 -4.96 -12.37
N THR A 193 -23.23 -5.54 -12.62
CA THR A 193 -23.83 -5.49 -13.95
C THR A 193 -24.20 -4.07 -14.35
N LEU A 194 -24.82 -3.33 -13.43
CA LEU A 194 -25.06 -1.90 -13.64
C LEU A 194 -23.75 -1.14 -13.83
N GLY A 195 -22.69 -1.56 -13.15
CA GLY A 195 -21.39 -0.90 -13.34
C GLY A 195 -20.86 -1.06 -14.76
N GLU A 196 -21.09 -2.23 -15.37
CA GLU A 196 -20.67 -2.43 -16.76
C GLU A 196 -21.56 -1.68 -17.73
N MET A 197 -22.82 -1.44 -17.37
CA MET A 197 -23.66 -0.58 -18.18
C MET A 197 -23.34 0.88 -17.97
N ASP A 198 -22.60 1.20 -16.91
CA ASP A 198 -22.24 2.55 -16.55
C ASP A 198 -23.49 3.44 -16.46
N ILE A 199 -24.52 2.94 -15.76
CA ILE A 199 -25.76 3.69 -15.67
C ILE A 199 -25.48 5.05 -15.05
N GLN A 200 -26.14 6.08 -15.58
CA GLN A 200 -25.92 7.46 -15.15
C GLN A 200 -27.25 8.15 -14.88
N SER A 201 -27.23 9.06 -13.90
CA SER A 201 -28.42 9.84 -13.57
C SER A 201 -28.81 10.74 -14.73
N THR A 202 -30.12 10.95 -14.89
CA THR A 202 -30.72 11.79 -15.92
C THR A 202 -31.64 12.80 -15.24
N PRO A 203 -32.16 13.79 -15.98
CA PRO A 203 -33.08 14.74 -15.36
C PRO A 203 -34.42 14.16 -14.95
N ILE A 204 -34.77 12.96 -15.42
CA ILE A 204 -36.08 12.40 -15.14
C ILE A 204 -35.96 11.05 -14.44
N ASP A 205 -34.87 10.87 -13.66
CA ASP A 205 -34.74 9.67 -12.82
C ASP A 205 -35.99 9.45 -11.98
N THR A 206 -36.46 8.22 -11.95
CA THR A 206 -37.40 7.82 -10.93
C THR A 206 -36.64 7.57 -9.63
N LYS A 207 -37.40 7.49 -8.53
CA LYS A 207 -36.79 7.14 -7.26
C LYS A 207 -36.15 5.75 -7.32
N GLY A 208 -36.84 4.79 -7.94
CA GLY A 208 -36.27 3.46 -8.06
C GLY A 208 -34.94 3.46 -8.79
N PHE A 209 -34.84 4.22 -9.88
CA PHE A 209 -33.57 4.27 -10.62
C PHE A 209 -32.49 4.97 -9.79
N GLU A 210 -32.87 6.00 -9.05
CA GLU A 210 -31.92 6.65 -8.16
C GLU A 210 -31.30 5.65 -7.18
N THR A 211 -32.13 4.77 -6.59
CA THR A 211 -31.58 3.76 -5.69
C THR A 211 -30.64 2.81 -6.42
N LEU A 212 -30.93 2.47 -7.67
CA LEU A 212 -30.04 1.56 -8.40
C LEU A 212 -28.70 2.21 -8.70
N VAL A 213 -28.71 3.49 -9.10
CA VAL A 213 -27.46 4.23 -9.29
C VAL A 213 -26.64 4.21 -8.01
N LYS A 214 -27.29 4.50 -6.88
CA LYS A 214 -26.56 4.47 -5.60
C LYS A 214 -26.06 3.07 -5.29
N LEU A 215 -26.89 2.05 -5.53
CA LEU A 215 -26.45 0.68 -5.31
C LEU A 215 -25.24 0.33 -6.17
N LYS A 216 -25.29 0.73 -7.45
CA LYS A 216 -24.13 0.53 -8.33
C LYS A 216 -22.88 1.16 -7.73
N GLU A 217 -22.98 2.44 -7.35
CA GLU A 217 -21.82 3.15 -6.81
C GLU A 217 -21.26 2.46 -5.58
N THR A 218 -22.13 2.03 -4.65
CA THR A 218 -21.63 1.41 -3.41
C THR A 218 -21.06 0.01 -3.67
N MET A 219 -21.66 -0.77 -4.58
CA MET A 219 -21.14 -2.10 -4.84
C MET A 219 -19.80 -2.04 -5.55
N MET A 220 -19.64 -1.09 -6.48
CA MET A 220 -18.37 -0.92 -7.17
C MET A 220 -17.23 -0.48 -6.25
N ARG A 221 -17.51 -0.10 -4.99
CA ARG A 221 -16.43 0.27 -4.08
C ARG A 221 -15.68 -0.95 -3.55
N ASP A 222 -16.30 -2.12 -3.58
CA ASP A 222 -15.63 -3.31 -3.12
C ASP A 222 -14.70 -3.84 -4.21
N SER A 223 -13.61 -4.46 -3.80
CA SER A 223 -12.65 -4.96 -4.78
C SER A 223 -13.31 -6.05 -5.63
N PHE A 224 -12.77 -6.26 -6.83
CA PHE A 224 -13.20 -7.40 -7.62
C PHE A 224 -12.76 -8.71 -6.97
N ASP A 225 -11.65 -8.70 -6.23
CA ASP A 225 -11.26 -9.88 -5.44
C ASP A 225 -12.38 -10.28 -4.50
N LEU A 226 -12.94 -9.32 -3.78
CA LEU A 226 -14.03 -9.61 -2.84
C LEU A 226 -15.22 -10.20 -3.57
N TYR A 227 -15.70 -9.50 -4.60
CA TYR A 227 -16.85 -10.00 -5.36
C TYR A 227 -16.58 -11.40 -5.87
N SER A 228 -15.43 -11.61 -6.49
N SER A 228 -15.43 -11.60 -6.51
CA SER A 228 -15.16 -12.93 -7.08
CA SER A 228 -15.10 -12.92 -7.06
C SER A 228 -15.03 -14.00 -6.00
C SER A 228 -15.05 -13.98 -5.99
N GLY A 229 -14.58 -13.63 -4.80
CA GLY A 229 -14.54 -14.59 -3.71
C GLY A 229 -15.92 -15.00 -3.22
N LEU A 230 -16.91 -14.12 -3.35
CA LEU A 230 -18.29 -14.51 -3.03
C LEU A 230 -18.77 -15.65 -3.92
N PHE A 231 -18.34 -15.67 -5.17
CA PHE A 231 -18.73 -16.68 -6.14
C PHE A 231 -17.87 -17.93 -6.02
N VAL A 232 -16.54 -17.76 -6.00
CA VAL A 232 -15.66 -18.91 -6.08
C VAL A 232 -15.82 -19.80 -4.85
N TYR A 233 -15.97 -19.21 -3.66
CA TYR A 233 -15.85 -19.96 -2.42
C TYR A 233 -17.16 -20.11 -1.66
N ASN A 234 -18.29 -19.79 -2.29
CA ASN A 234 -19.59 -20.11 -1.73
C ASN A 234 -20.20 -21.16 -2.66
N ARG A 235 -20.37 -22.38 -2.15
CA ARG A 235 -20.87 -23.42 -3.04
C ARG A 235 -22.32 -23.19 -3.46
N PHE A 236 -23.03 -22.29 -2.79
CA PHE A 236 -24.42 -22.01 -3.15
C PHE A 236 -24.57 -20.85 -4.13
N ALA A 237 -23.49 -20.15 -4.48
CA ALA A 237 -23.61 -18.95 -5.31
C ALA A 237 -23.93 -19.29 -6.76
N ARG A 238 -23.36 -20.37 -7.31
CA ARG A 238 -23.55 -20.67 -8.73
C ARG A 238 -25.03 -20.83 -9.07
N GLN A 239 -25.77 -21.57 -8.24
CA GLN A 239 -27.19 -21.74 -8.52
C GLN A 239 -27.96 -20.42 -8.40
N GLU A 240 -27.52 -19.52 -7.51
CA GLU A 240 -28.20 -18.22 -7.45
C GLU A 240 -27.89 -17.38 -8.67
N LEU A 241 -26.66 -17.50 -9.20
CA LEU A 241 -26.38 -16.88 -10.48
C LEU A 241 -27.29 -17.45 -11.56
N GLU A 242 -27.47 -18.77 -11.60
CA GLU A 242 -28.42 -19.38 -12.53
C GLU A 242 -29.82 -18.83 -12.34
N ASN A 243 -30.27 -18.73 -11.09
CA ASN A 243 -31.64 -18.27 -10.84
C ASN A 243 -31.83 -16.85 -11.38
N LEU A 244 -30.84 -15.98 -11.18
CA LEU A 244 -30.92 -14.62 -11.70
C LEU A 244 -30.94 -14.61 -13.21
N GLU A 245 -30.03 -15.36 -13.83
CA GLU A 245 -29.92 -15.37 -15.29
C GLU A 245 -31.17 -15.96 -15.93
N HIS A 246 -31.68 -17.05 -15.34
CA HIS A 246 -32.89 -17.69 -15.84
C HIS A 246 -34.12 -16.77 -15.70
N ALA A 247 -34.22 -16.06 -14.58
CA ALA A 247 -35.36 -15.16 -14.38
C ALA A 247 -35.33 -14.03 -15.41
N LEU A 248 -34.15 -13.42 -15.61
CA LEU A 248 -34.08 -12.34 -16.60
C LEU A 248 -34.46 -12.84 -17.98
N HIS A 249 -34.03 -14.05 -18.33
CA HIS A 249 -34.39 -14.61 -19.62
C HIS A 249 -35.89 -14.82 -19.73
N LYS A 250 -36.52 -15.30 -18.66
CA LYS A 250 -37.96 -15.51 -18.71
C LYS A 250 -38.70 -14.16 -18.82
N VAL A 251 -38.24 -13.13 -18.10
CA VAL A 251 -38.85 -11.82 -18.25
C VAL A 251 -38.73 -11.37 -19.70
N LYS A 252 -37.53 -11.49 -20.27
CA LYS A 252 -37.32 -11.12 -21.66
C LYS A 252 -38.31 -11.81 -22.59
N GLU A 253 -38.54 -13.12 -22.38
CA GLU A 253 -39.42 -13.81 -23.33
C GLU A 253 -40.87 -13.34 -23.20
N THR A 254 -41.33 -12.96 -22.00
CA THR A 254 -42.67 -12.39 -21.93
C THR A 254 -42.75 -11.09 -22.72
N LEU A 255 -41.65 -10.36 -22.81
CA LEU A 255 -41.63 -9.13 -23.60
C LEU A 255 -41.52 -9.42 -25.10
N MET A 256 -40.70 -10.40 -25.47
CA MET A 256 -40.42 -10.67 -26.88
C MET A 256 -41.61 -11.26 -27.62
N ILE A 257 -42.55 -11.91 -26.92
CA ILE A 257 -43.70 -12.50 -27.61
C ILE A 257 -44.71 -11.44 -28.02
N GLN B 8 5.27 32.02 -0.56
CA GLN B 8 6.20 30.95 -0.89
C GLN B 8 5.59 29.57 -0.62
N SER B 9 4.29 29.52 -0.35
CA SER B 9 3.57 28.30 -0.05
C SER B 9 2.87 27.79 -1.31
N LEU B 10 3.03 26.49 -1.60
CA LEU B 10 2.74 25.94 -2.92
C LEU B 10 1.62 24.91 -2.88
N LYS B 11 0.94 24.77 -4.03
CA LYS B 11 0.05 23.63 -4.28
C LYS B 11 0.86 22.57 -5.01
N ILE B 12 1.18 21.48 -4.31
CA ILE B 12 2.09 20.46 -4.83
C ILE B 12 1.31 19.17 -5.01
N GLY B 13 1.40 18.59 -6.20
CA GLY B 13 0.85 17.27 -6.47
C GLY B 13 1.94 16.25 -6.57
N ILE B 14 1.76 15.13 -5.87
CA ILE B 14 2.74 14.04 -5.85
C ILE B 14 2.18 12.88 -6.67
N VAL B 15 2.97 12.40 -7.64
CA VAL B 15 2.64 11.22 -8.42
C VAL B 15 3.51 10.09 -7.90
N GLY B 16 2.88 9.10 -7.28
CA GLY B 16 3.64 7.98 -6.72
C GLY B 16 3.83 8.18 -5.23
N PHE B 17 2.83 7.78 -4.46
CA PHE B 17 2.77 8.10 -3.03
C PHE B 17 3.22 6.91 -2.20
N GLY B 18 4.31 6.30 -2.64
CA GLY B 18 4.93 5.20 -1.93
C GLY B 18 5.91 5.71 -0.90
N ASN B 19 6.91 4.88 -0.62
CA ASN B 19 7.81 5.11 0.50
C ASN B 19 8.42 6.51 0.46
N PHE B 20 9.00 6.89 -0.68
CA PHE B 20 9.67 8.19 -0.71
C PHE B 20 8.69 9.34 -0.92
N GLY B 21 7.63 9.11 -1.70
CA GLY B 21 6.59 10.14 -1.85
C GLY B 21 6.02 10.56 -0.52
N GLN B 22 5.71 9.59 0.35
CA GLN B 22 5.25 9.90 1.70
C GLN B 22 6.32 10.65 2.50
N PHE B 23 7.58 10.27 2.35
CA PHE B 23 8.66 10.93 3.09
C PHE B 23 8.71 12.41 2.77
N LEU B 24 8.65 12.76 1.49
CA LEU B 24 8.68 14.16 1.09
C LEU B 24 7.44 14.90 1.60
N ALA B 25 6.29 14.23 1.55
CA ALA B 25 5.04 14.91 1.90
C ALA B 25 5.03 15.32 3.36
N LYS B 26 5.57 14.47 4.24
CA LYS B 26 5.67 14.77 5.66
C LYS B 26 6.27 16.16 5.90
N THR B 27 7.41 16.44 5.28
CA THR B 27 8.08 17.72 5.45
C THR B 27 7.38 18.84 4.70
N MET B 28 6.87 18.57 3.49
CA MET B 28 6.07 19.58 2.80
C MET B 28 4.85 20.01 3.61
N ILE B 29 4.18 19.07 4.26
CA ILE B 29 3.04 19.43 5.11
C ILE B 29 3.51 20.26 6.29
N LYS B 30 4.63 19.86 6.90
CA LYS B 30 5.19 20.59 8.02
C LYS B 30 5.47 22.05 7.65
N GLN B 31 5.90 22.30 6.41
CA GLN B 31 6.19 23.66 5.95
C GLN B 31 4.95 24.46 5.58
N GLY B 32 3.76 23.85 5.51
CA GLY B 32 2.56 24.59 5.22
C GLY B 32 2.04 24.47 3.80
N HIS B 33 2.61 23.60 2.98
CA HIS B 33 2.14 23.46 1.60
C HIS B 33 0.84 22.64 1.56
N THR B 34 0.09 22.84 0.48
CA THR B 34 -1.15 22.14 0.26
C THR B 34 -0.90 21.03 -0.75
N LEU B 35 -1.13 19.79 -0.33
CA LEU B 35 -0.70 18.63 -1.09
C LEU B 35 -1.87 17.88 -1.70
N THR B 36 -1.66 17.43 -2.93
CA THR B 36 -2.50 16.51 -3.67
C THR B 36 -1.65 15.31 -4.07
N ALA B 37 -2.25 14.13 -4.17
CA ALA B 37 -1.48 12.95 -4.54
C ALA B 37 -2.32 12.03 -5.42
N THR B 38 -1.62 11.25 -6.25
CA THR B 38 -2.21 10.17 -7.02
C THR B 38 -1.19 9.05 -7.08
N SER B 39 -1.65 7.82 -7.27
CA SER B 39 -0.72 6.70 -7.30
C SER B 39 -1.40 5.49 -7.90
N ARG B 40 -0.59 4.51 -8.32
CA ARG B 40 -1.13 3.21 -8.73
C ARG B 40 -1.96 2.59 -7.63
N SER B 41 -1.43 2.55 -6.40
CA SER B 41 -2.15 1.94 -5.29
C SER B 41 -3.02 2.97 -4.58
N ASP B 42 -3.97 2.48 -3.80
CA ASP B 42 -4.94 3.35 -3.14
C ASP B 42 -4.39 3.81 -1.80
N TYR B 43 -4.09 5.10 -1.68
CA TYR B 43 -3.61 5.69 -0.43
C TYR B 43 -4.66 6.62 0.19
N SER B 44 -5.94 6.36 -0.09
CA SER B 44 -7.01 7.24 0.37
C SER B 44 -6.96 7.47 1.88
N GLU B 45 -6.92 6.39 2.66
CA GLU B 45 -6.95 6.52 4.13
C GLU B 45 -5.72 7.27 4.64
N LEU B 46 -4.54 6.92 4.15
CA LEU B 46 -3.35 7.60 4.66
C LEU B 46 -3.39 9.08 4.30
N CYS B 47 -3.89 9.41 3.12
CA CYS B 47 -4.02 10.82 2.75
C CYS B 47 -5.07 11.53 3.59
N LEU B 48 -6.16 10.83 3.95
CA LEU B 48 -7.10 11.40 4.89
C LEU B 48 -6.40 11.79 6.20
N GLN B 49 -5.63 10.85 6.78
CA GLN B 49 -4.86 11.14 7.99
C GLN B 49 -3.97 12.35 7.83
N MET B 50 -3.27 12.48 6.71
CA MET B 50 -2.33 13.59 6.53
C MET B 50 -2.95 14.82 5.87
N GLY B 51 -4.23 14.79 5.52
CA GLY B 51 -4.87 15.97 4.97
C GLY B 51 -4.60 16.22 3.51
N ILE B 52 -4.16 15.19 2.78
CA ILE B 52 -3.79 15.29 1.37
C ILE B 52 -4.99 14.94 0.52
N HIS B 53 -5.21 15.67 -0.57
CA HIS B 53 -6.29 15.28 -1.48
C HIS B 53 -5.76 14.20 -2.42
N PHE B 54 -6.37 13.01 -2.33
CA PHE B 54 -5.90 11.86 -3.10
C PHE B 54 -6.85 11.60 -4.26
N PHE B 55 -6.29 11.48 -5.45
CA PHE B 55 -7.05 11.14 -6.66
C PHE B 55 -6.63 9.75 -7.11
N ARG B 56 -7.59 8.83 -7.11
CA ARG B 56 -7.34 7.50 -7.63
C ARG B 56 -6.99 7.54 -9.11
N ASP B 57 -7.69 8.38 -9.88
CA ASP B 57 -7.49 8.46 -11.32
C ASP B 57 -6.60 9.65 -11.67
N VAL B 58 -5.52 9.38 -12.42
CA VAL B 58 -4.55 10.43 -12.78
C VAL B 58 -5.20 11.52 -13.61
N SER B 59 -6.28 11.19 -14.33
CA SER B 59 -6.97 12.21 -15.12
C SER B 59 -7.61 13.26 -14.23
N ALA B 60 -8.15 12.86 -13.08
CA ALA B 60 -8.68 13.83 -12.13
C ALA B 60 -7.54 14.60 -11.46
N PHE B 61 -6.43 13.91 -11.16
CA PHE B 61 -5.26 14.55 -10.59
C PHE B 61 -4.84 15.76 -11.41
N LEU B 62 -4.75 15.57 -12.73
CA LEU B 62 -4.17 16.57 -13.60
C LEU B 62 -5.05 17.80 -13.77
N THR B 63 -6.34 17.69 -13.44
CA THR B 63 -7.21 18.84 -13.53
C THR B 63 -7.33 19.58 -12.20
N ALA B 64 -6.66 19.10 -11.16
CA ALA B 64 -6.67 19.77 -9.88
C ALA B 64 -5.86 21.08 -9.94
N ASP B 65 -5.97 21.86 -8.87
CA ASP B 65 -5.29 23.15 -8.75
C ASP B 65 -3.90 22.89 -8.21
N ILE B 66 -2.93 22.73 -9.12
CA ILE B 66 -1.57 22.30 -8.79
C ILE B 66 -0.57 23.30 -9.38
N ASP B 67 0.38 23.74 -8.56
CA ASP B 67 1.50 24.58 -9.02
C ASP B 67 2.66 23.75 -9.56
N VAL B 68 2.88 22.59 -8.95
CA VAL B 68 4.08 21.78 -9.20
C VAL B 68 3.68 20.32 -9.08
N ILE B 69 4.10 19.50 -10.05
CA ILE B 69 3.87 18.06 -10.05
C ILE B 69 5.21 17.38 -9.79
N VAL B 70 5.28 16.57 -8.72
CA VAL B 70 6.50 15.90 -8.31
C VAL B 70 6.37 14.42 -8.65
N LEU B 71 7.21 13.94 -9.58
CA LEU B 71 7.19 12.53 -9.98
C LEU B 71 8.03 11.71 -8.99
N CYS B 72 7.35 10.87 -8.21
CA CYS B 72 7.98 10.10 -7.15
C CYS B 72 7.81 8.60 -7.34
N THR B 73 7.57 8.16 -8.58
CA THR B 73 7.42 6.75 -8.93
C THR B 73 8.81 6.11 -9.06
N SER B 74 8.86 4.78 -9.09
CA SER B 74 10.16 4.12 -9.25
C SER B 74 10.80 4.50 -10.59
N ILE B 75 12.14 4.49 -10.61
CA ILE B 75 12.87 4.66 -11.87
C ILE B 75 12.29 3.77 -12.97
N LEU B 76 12.14 2.48 -12.67
CA LEU B 76 11.73 1.52 -13.70
C LEU B 76 10.35 1.82 -14.26
N SER B 77 9.50 2.48 -13.48
CA SER B 77 8.11 2.70 -13.91
C SER B 77 7.87 4.08 -14.52
N LEU B 78 8.84 5.00 -14.48
CA LEU B 78 8.61 6.36 -14.93
C LEU B 78 8.02 6.41 -16.33
N SER B 79 8.59 5.63 -17.26
CA SER B 79 8.12 5.67 -18.64
C SER B 79 6.65 5.27 -18.76
N GLU B 80 6.26 4.18 -18.08
CA GLU B 80 4.86 3.78 -18.12
C GLU B 80 3.97 4.83 -17.47
N VAL B 81 4.40 5.39 -16.33
CA VAL B 81 3.53 6.33 -15.61
C VAL B 81 3.30 7.59 -16.43
N VAL B 82 4.39 8.20 -16.93
CA VAL B 82 4.24 9.38 -17.77
C VAL B 82 3.42 9.05 -19.02
N GLY B 83 3.67 7.87 -19.61
CA GLY B 83 2.93 7.47 -20.81
C GLY B 83 1.43 7.37 -20.60
N SER B 84 1.00 6.97 -19.41
CA SER B 84 -0.42 6.85 -19.12
C SER B 84 -1.07 8.17 -18.71
N MET B 85 -0.33 9.27 -18.69
CA MET B 85 -0.87 10.54 -18.23
C MET B 85 -1.51 11.28 -19.40
N PRO B 86 -2.82 11.57 -19.34
CA PRO B 86 -3.40 12.45 -20.36
C PRO B 86 -2.91 13.87 -20.18
N LEU B 87 -1.71 14.16 -20.69
CA LEU B 87 -1.06 15.43 -20.38
C LEU B 87 -1.75 16.62 -21.01
N THR B 88 -2.62 16.39 -22.00
CA THR B 88 -3.43 17.48 -22.50
C THR B 88 -4.53 17.89 -21.51
N SER B 89 -4.76 17.10 -20.45
CA SER B 89 -5.69 17.49 -19.40
C SER B 89 -5.19 18.64 -18.55
N LEU B 90 -3.92 19.03 -18.70
CA LEU B 90 -3.34 20.07 -17.85
C LEU B 90 -4.11 21.38 -17.97
N LYS B 91 -4.52 21.93 -16.83
CA LYS B 91 -5.26 23.20 -16.83
C LYS B 91 -4.38 24.36 -17.24
N ARG B 92 -3.10 24.27 -16.95
CA ARG B 92 -2.18 25.38 -17.03
C ARG B 92 -0.79 24.80 -17.27
N PRO B 93 0.10 25.56 -17.91
CA PRO B 93 1.52 25.19 -17.89
C PRO B 93 1.97 24.96 -16.45
N THR B 94 2.66 23.85 -16.22
CA THR B 94 3.00 23.43 -14.88
C THR B 94 4.44 22.97 -14.81
N LEU B 95 5.10 23.29 -13.70
CA LEU B 95 6.43 22.76 -13.42
C LEU B 95 6.38 21.29 -13.02
N PHE B 96 7.11 20.43 -13.76
CA PHE B 96 7.28 19.04 -13.39
C PHE B 96 8.63 18.86 -12.70
N VAL B 97 8.61 18.25 -11.52
CA VAL B 97 9.81 17.93 -10.79
C VAL B 97 9.95 16.42 -10.76
N ASP B 98 11.17 15.93 -10.96
N ASP B 98 11.15 15.92 -11.01
CA ASP B 98 11.52 14.53 -10.81
CA ASP B 98 11.42 14.51 -10.74
C ASP B 98 12.47 14.35 -9.63
C ASP B 98 12.33 14.42 -9.52
N VAL B 99 12.29 13.26 -8.88
CA VAL B 99 13.17 12.98 -7.75
C VAL B 99 13.77 11.58 -7.89
N LEU B 100 13.84 11.08 -9.12
CA LEU B 100 14.43 9.76 -9.36
C LEU B 100 15.90 9.74 -8.96
N SER B 101 16.37 8.56 -8.50
CA SER B 101 17.75 8.40 -8.06
C SER B 101 18.75 8.39 -9.22
N VAL B 102 18.29 8.30 -10.47
CA VAL B 102 19.12 8.52 -11.64
C VAL B 102 18.51 9.67 -12.41
N LYS B 103 19.33 10.33 -13.24
CA LYS B 103 18.86 11.62 -13.73
C LYS B 103 18.86 11.82 -15.24
N GLU B 104 19.78 11.20 -15.98
CA GLU B 104 19.74 11.39 -17.42
C GLU B 104 18.45 10.81 -18.00
N HIS B 105 17.96 9.72 -17.41
CA HIS B 105 16.73 9.10 -17.92
C HIS B 105 15.51 10.01 -17.78
N PRO B 106 15.16 10.52 -16.60
CA PRO B 106 13.95 11.37 -16.53
C PRO B 106 14.10 12.63 -17.38
N ARG B 107 15.29 13.23 -17.37
CA ARG B 107 15.53 14.42 -18.18
C ARG B 107 15.20 14.15 -19.65
N GLU B 108 15.75 13.07 -20.22
CA GLU B 108 15.50 12.78 -21.61
C GLU B 108 14.02 12.46 -21.86
N LEU B 109 13.41 11.69 -20.97
CA LEU B 109 12.02 11.30 -21.16
C LEU B 109 11.08 12.50 -21.02
N LEU B 110 11.27 13.33 -19.99
CA LEU B 110 10.33 14.44 -19.82
C LEU B 110 10.48 15.49 -20.93
N LEU B 111 11.70 15.72 -21.42
CA LEU B 111 11.84 16.63 -22.55
C LEU B 111 11.13 16.08 -23.78
N ARG B 112 11.12 14.76 -23.95
CA ARG B 112 10.46 14.17 -25.11
C ARG B 112 8.94 14.16 -24.96
N GLU B 113 8.43 13.94 -23.76
CA GLU B 113 7.02 13.61 -23.57
C GLU B 113 6.16 14.75 -23.06
N LEU B 114 6.70 15.67 -22.26
CA LEU B 114 5.88 16.71 -21.65
C LEU B 114 5.50 17.78 -22.66
N PRO B 115 4.37 18.47 -22.44
CA PRO B 115 4.06 19.65 -23.25
C PRO B 115 5.18 20.67 -23.16
N GLU B 116 5.51 21.27 -24.31
CA GLU B 116 6.64 22.19 -24.40
C GLU B 116 6.55 23.30 -23.36
N ASP B 117 5.34 23.77 -23.07
CA ASP B 117 5.14 24.90 -22.17
C ASP B 117 5.34 24.54 -20.69
N SER B 118 5.45 23.26 -20.36
CA SER B 118 5.62 22.86 -18.96
C SER B 118 7.11 22.85 -18.60
N ASP B 119 7.45 23.44 -17.46
CA ASP B 119 8.84 23.52 -17.01
C ASP B 119 9.32 22.20 -16.41
N ILE B 120 10.64 21.98 -16.45
CA ILE B 120 11.24 20.74 -15.98
C ILE B 120 12.41 21.03 -15.04
N LEU B 121 12.30 20.56 -13.79
CA LEU B 121 13.39 20.57 -12.82
C LEU B 121 13.72 19.13 -12.49
N CYS B 122 14.96 18.71 -12.75
CA CYS B 122 15.40 17.34 -12.47
C CYS B 122 16.22 17.31 -11.20
N THR B 123 15.77 16.54 -10.19
CA THR B 123 16.37 16.60 -8.86
C THR B 123 16.65 15.19 -8.31
N HIS B 124 17.57 15.12 -7.36
CA HIS B 124 17.78 13.91 -6.56
C HIS B 124 18.16 14.35 -5.15
N PRO B 125 17.23 14.26 -4.21
CA PRO B 125 17.63 14.37 -2.80
C PRO B 125 18.44 13.15 -2.41
N MET B 126 19.68 13.38 -1.98
CA MET B 126 20.59 12.26 -1.73
C MET B 126 20.39 11.71 -0.33
N PHE B 127 19.14 11.44 0.03
CA PHE B 127 18.79 11.06 1.40
C PHE B 127 17.35 10.56 1.38
N GLY B 128 16.94 9.93 2.47
CA GLY B 128 15.60 9.42 2.58
C GLY B 128 15.30 8.89 3.96
N PRO B 129 14.25 8.07 4.09
CA PRO B 129 13.80 7.61 5.41
C PRO B 129 14.89 6.97 6.24
N GLN B 130 15.87 6.31 5.62
CA GLN B 130 16.88 5.60 6.41
C GLN B 130 18.01 6.52 6.88
N THR B 131 18.31 7.58 6.13
CA THR B 131 19.44 8.44 6.49
C THR B 131 19.02 9.79 7.04
N ALA B 132 17.80 10.25 6.74
CA ALA B 132 17.32 11.54 7.19
C ALA B 132 16.06 11.36 8.02
N LYS B 133 16.07 10.34 8.89
CA LYS B 133 14.93 10.06 9.76
C LYS B 133 14.60 11.23 10.68
N ASN B 134 15.62 11.91 11.20
CA ASN B 134 15.46 12.97 12.17
C ASN B 134 15.61 14.36 11.56
N GLY B 135 15.43 14.50 10.25
CA GLY B 135 15.56 15.80 9.63
C GLY B 135 16.49 15.79 8.44
N TRP B 136 16.37 16.80 7.58
CA TRP B 136 17.12 16.86 6.33
C TRP B 136 18.44 17.62 6.45
N THR B 137 18.70 18.27 7.59
CA THR B 137 19.85 19.17 7.72
C THR B 137 21.16 18.50 7.30
N ASP B 138 21.92 19.22 6.49
CA ASP B 138 23.22 18.78 5.97
C ASP B 138 23.17 17.42 5.29
N HIS B 139 22.06 17.15 4.61
CA HIS B 139 22.04 16.16 3.55
C HIS B 139 22.02 16.89 2.22
N THR B 140 22.43 16.20 1.17
CA THR B 140 22.65 16.87 -0.09
C THR B 140 21.41 16.77 -0.97
N PHE B 141 21.05 17.90 -1.60
CA PHE B 141 19.94 17.97 -2.54
C PHE B 141 20.50 18.43 -3.88
N MET B 142 20.42 17.58 -4.89
CA MET B 142 20.95 17.91 -6.21
C MET B 142 19.81 18.33 -7.14
N TYR B 143 20.12 19.23 -8.06
CA TYR B 143 19.09 19.66 -8.99
C TYR B 143 19.73 20.21 -10.25
N ASP B 144 19.00 20.06 -11.36
CA ASP B 144 19.40 20.55 -12.68
C ASP B 144 18.20 21.28 -13.24
N LYS B 145 18.35 22.57 -13.54
CA LYS B 145 17.27 23.34 -14.16
C LYS B 145 17.28 23.01 -15.65
N VAL B 146 16.52 21.97 -16.01
CA VAL B 146 16.51 21.49 -17.39
C VAL B 146 15.73 22.41 -18.32
N ARG B 147 14.56 22.89 -17.87
CA ARG B 147 13.78 23.83 -18.67
C ARG B 147 12.95 24.67 -17.70
N ILE B 148 13.46 25.86 -17.36
CA ILE B 148 12.84 26.72 -16.37
C ILE B 148 12.59 28.08 -17.03
N ARG B 149 11.32 28.50 -17.06
CA ARG B 149 10.95 29.83 -17.49
C ARG B 149 10.26 30.65 -16.41
N ASP B 150 9.52 30.01 -15.51
CA ASP B 150 8.95 30.67 -14.33
C ASP B 150 9.95 30.48 -13.20
N GLU B 151 10.83 31.47 -13.01
CA GLU B 151 11.86 31.33 -11.98
C GLU B 151 11.29 31.36 -10.58
N VAL B 152 10.16 32.05 -10.39
CA VAL B 152 9.62 32.22 -9.05
C VAL B 152 9.18 30.89 -8.48
N ILE B 153 8.38 30.13 -9.24
CA ILE B 153 7.91 28.84 -8.76
C ILE B 153 9.05 27.86 -8.61
N CYS B 154 9.97 27.83 -9.58
CA CYS B 154 11.13 26.96 -9.46
C CYS B 154 11.94 27.28 -8.19
N SER B 155 12.13 28.55 -7.91
CA SER B 155 12.86 28.96 -6.71
C SER B 155 12.09 28.61 -5.44
N ASN B 156 10.77 28.76 -5.46
CA ASN B 156 9.98 28.40 -4.28
C ASN B 156 10.07 26.91 -3.98
N PHE B 157 10.09 26.08 -5.02
CA PHE B 157 10.23 24.64 -4.81
C PHE B 157 11.60 24.30 -4.25
N ILE B 158 12.65 24.81 -4.88
CA ILE B 158 14.01 24.56 -4.42
C ILE B 158 14.17 25.05 -2.98
N GLN B 159 13.43 26.11 -2.60
CA GLN B 159 13.47 26.61 -1.24
C GLN B 159 13.04 25.56 -0.22
N ILE B 160 12.15 24.64 -0.61
CA ILE B 160 11.70 23.60 0.30
C ILE B 160 12.88 22.87 0.91
N PHE B 161 13.89 22.55 0.10
CA PHE B 161 15.04 21.83 0.62
C PHE B 161 16.02 22.78 1.30
N ALA B 162 16.19 23.98 0.76
CA ALA B 162 17.12 24.92 1.37
C ALA B 162 16.71 25.28 2.79
N THR B 163 15.41 25.46 3.03
N THR B 163 15.40 25.45 3.03
CA THR B 163 14.98 25.83 4.38
CA THR B 163 14.96 25.82 4.36
C THR B 163 15.15 24.69 5.36
C THR B 163 15.20 24.69 5.36
N GLU B 164 15.25 23.45 4.90
CA GLU B 164 15.50 22.31 5.78
C GLU B 164 16.97 22.14 6.09
N GLY B 165 17.84 23.01 5.59
CA GLY B 165 19.26 22.92 5.86
C GLY B 165 20.01 22.03 4.91
N CYS B 166 19.45 21.73 3.75
CA CYS B 166 20.10 20.82 2.82
C CYS B 166 21.36 21.47 2.25
N LYS B 167 22.31 20.63 1.89
CA LYS B 167 23.40 21.12 1.05
C LYS B 167 22.90 21.16 -0.39
N MET B 168 22.89 22.35 -0.98
CA MET B 168 22.28 22.57 -2.30
C MET B 168 23.35 22.44 -3.39
N VAL B 169 23.16 21.49 -4.31
CA VAL B 169 24.15 21.21 -5.36
C VAL B 169 23.44 21.28 -6.71
N GLN B 170 23.75 22.32 -7.48
CA GLN B 170 23.31 22.44 -8.86
C GLN B 170 24.32 21.70 -9.73
N MET B 171 23.84 20.85 -10.63
CA MET B 171 24.74 19.98 -11.36
C MET B 171 23.95 19.35 -12.49
N SER B 172 24.63 19.01 -13.59
CA SER B 172 23.94 18.43 -14.72
C SER B 172 23.51 17.01 -14.42
N CYS B 173 22.46 16.55 -15.12
CA CYS B 173 22.00 15.18 -14.95
C CYS B 173 23.10 14.18 -15.35
N GLU B 174 23.80 14.45 -16.44
CA GLU B 174 24.98 13.65 -16.82
C GLU B 174 25.99 13.57 -15.69
N GLU B 175 26.44 14.73 -15.19
CA GLU B 175 27.45 14.71 -14.14
C GLU B 175 26.94 14.00 -12.90
N HIS B 176 25.65 14.12 -12.61
CA HIS B 176 25.08 13.36 -11.50
C HIS B 176 25.25 11.87 -11.70
N ASP B 177 24.82 11.35 -12.87
CA ASP B 177 24.89 9.91 -13.09
C ASP B 177 26.34 9.44 -13.09
N ARG B 178 27.26 10.26 -13.59
CA ARG B 178 28.69 9.90 -13.54
C ARG B 178 29.14 9.70 -12.09
N ALA B 179 28.76 10.63 -11.20
CA ALA B 179 29.21 10.55 -9.82
C ALA B 179 28.44 9.49 -9.04
N ALA B 180 27.15 9.35 -9.32
CA ALA B 180 26.33 8.40 -8.60
C ALA B 180 26.69 6.96 -8.94
N ALA B 181 27.12 6.71 -10.19
CA ALA B 181 27.60 5.38 -10.53
C ALA B 181 28.81 4.98 -9.71
N LYS B 182 29.68 5.95 -9.40
CA LYS B 182 30.90 5.69 -8.65
C LYS B 182 30.67 5.63 -7.15
N SER B 183 29.53 6.09 -6.67
CA SER B 183 29.34 6.29 -5.24
C SER B 183 28.10 5.54 -4.75
N GLN B 184 26.91 6.08 -5.01
CA GLN B 184 25.75 5.45 -4.41
C GLN B 184 25.50 4.07 -5.02
N PHE B 185 25.73 3.89 -6.32
CA PHE B 185 25.57 2.54 -6.88
C PHE B 185 26.54 1.55 -6.25
N ILE B 186 27.80 1.97 -6.07
CA ILE B 186 28.77 1.09 -5.41
C ILE B 186 28.34 0.80 -3.98
N THR B 187 27.84 1.82 -3.28
CA THR B 187 27.43 1.63 -1.89
C THR B 187 26.29 0.62 -1.79
N HIS B 188 25.25 0.78 -2.62
CA HIS B 188 24.15 -0.18 -2.65
C HIS B 188 24.62 -1.57 -3.06
N THR B 189 25.56 -1.66 -4.00
CA THR B 189 26.03 -2.98 -4.42
C THR B 189 26.74 -3.69 -3.26
N ILE B 190 27.59 -2.96 -2.53
CA ILE B 190 28.24 -3.54 -1.36
C ILE B 190 27.19 -3.96 -0.32
N GLY B 191 26.20 -3.09 -0.07
CA GLY B 191 25.17 -3.43 0.91
C GLY B 191 24.35 -4.64 0.48
N ARG B 192 24.05 -4.74 -0.81
CA ARG B 192 23.30 -5.89 -1.30
C ARG B 192 24.14 -7.15 -1.28
N THR B 193 25.44 -7.02 -1.48
CA THR B 193 26.32 -8.18 -1.40
C THR B 193 26.38 -8.71 0.03
N LEU B 194 26.55 -7.80 1.01
CA LEU B 194 26.50 -8.19 2.41
C LEU B 194 25.13 -8.74 2.81
N GLY B 195 24.06 -8.25 2.20
CA GLY B 195 22.75 -8.79 2.51
C GLY B 195 22.59 -10.22 2.02
N GLU B 196 23.13 -10.51 0.85
CA GLU B 196 23.11 -11.89 0.38
C GLU B 196 24.03 -12.79 1.22
N MET B 197 25.15 -12.24 1.72
CA MET B 197 25.93 -13.05 2.67
C MET B 197 25.25 -13.16 4.02
N ASP B 198 24.22 -12.37 4.30
CA ASP B 198 23.53 -12.40 5.59
C ASP B 198 24.53 -12.34 6.75
N ILE B 199 25.37 -11.30 6.72
CA ILE B 199 26.37 -11.12 7.76
C ILE B 199 25.69 -10.88 9.11
N GLN B 200 26.30 -11.41 10.17
CA GLN B 200 25.76 -11.39 11.52
C GLN B 200 26.73 -10.69 12.48
N SER B 201 26.18 -10.08 13.53
CA SER B 201 27.02 -9.55 14.61
C SER B 201 27.63 -10.69 15.41
N THR B 202 28.79 -10.42 16.03
CA THR B 202 29.59 -11.44 16.68
C THR B 202 30.07 -10.95 18.04
N PRO B 203 30.59 -11.84 18.90
CA PRO B 203 31.16 -11.40 20.19
C PRO B 203 32.24 -10.35 20.06
N ILE B 204 32.87 -10.22 18.90
CA ILE B 204 34.12 -9.51 18.78
C ILE B 204 34.10 -8.58 17.58
N ASP B 205 32.93 -8.05 17.25
CA ASP B 205 32.78 -7.08 16.16
C ASP B 205 33.79 -5.94 16.32
N THR B 206 34.51 -5.66 15.25
CA THR B 206 35.24 -4.40 15.19
C THR B 206 34.28 -3.27 14.78
N LYS B 207 34.72 -2.04 15.00
CA LYS B 207 33.90 -0.90 14.59
C LYS B 207 33.65 -0.93 13.09
N GLY B 208 34.68 -1.23 12.29
CA GLY B 208 34.48 -1.31 10.85
C GLY B 208 33.41 -2.31 10.48
N PHE B 209 33.43 -3.49 11.09
CA PHE B 209 32.40 -4.47 10.78
C PHE B 209 31.04 -3.98 11.23
N GLU B 210 30.99 -3.32 12.39
CA GLU B 210 29.72 -2.75 12.86
C GLU B 210 29.13 -1.80 11.83
N THR B 211 29.95 -0.96 11.19
CA THR B 211 29.38 -0.05 10.21
C THR B 211 28.93 -0.81 8.96
N LEU B 212 29.58 -1.92 8.63
CA LEU B 212 29.12 -2.69 7.48
C LEU B 212 27.79 -3.35 7.76
N VAL B 213 27.62 -3.96 8.93
CA VAL B 213 26.32 -4.52 9.29
C VAL B 213 25.23 -3.44 9.18
N LYS B 214 25.51 -2.25 9.72
CA LYS B 214 24.54 -1.15 9.63
C LYS B 214 24.28 -0.76 8.19
N LEU B 215 25.34 -0.66 7.39
CA LEU B 215 25.18 -0.32 5.97
C LEU B 215 24.33 -1.36 5.27
N LYS B 216 24.58 -2.63 5.54
CA LYS B 216 23.73 -3.69 4.99
C LYS B 216 22.28 -3.47 5.36
N GLU B 217 22.00 -3.27 6.65
CA GLU B 217 20.61 -3.12 7.06
C GLU B 217 19.96 -1.93 6.36
N THR B 218 20.66 -0.81 6.25
N THR B 218 20.67 -0.80 6.24
CA THR B 218 20.04 0.36 5.64
CA THR B 218 20.03 0.37 5.64
C THR B 218 19.85 0.17 4.14
C THR B 218 19.87 0.20 4.13
N MET B 219 20.81 -0.46 3.47
CA MET B 219 20.68 -0.65 2.03
C MET B 219 19.59 -1.66 1.70
N MET B 220 19.43 -2.72 2.51
CA MET B 220 18.36 -3.69 2.26
C MET B 220 16.98 -3.14 2.49
N ARG B 221 16.84 -1.94 3.03
CA ARG B 221 15.50 -1.39 3.25
C ARG B 221 14.92 -0.78 1.99
N ASP B 222 15.75 -0.43 1.02
CA ASP B 222 15.21 0.07 -0.24
C ASP B 222 14.72 -1.06 -1.11
N SER B 223 13.81 -0.74 -2.03
CA SER B 223 13.25 -1.79 -2.87
C SER B 223 14.28 -2.30 -3.86
N PHE B 224 14.11 -3.55 -4.26
CA PHE B 224 14.97 -4.11 -5.29
C PHE B 224 14.74 -3.41 -6.62
N ASP B 225 13.49 -2.99 -6.88
CA ASP B 225 13.20 -2.10 -8.00
C ASP B 225 14.13 -0.90 -8.01
N LEU B 226 14.28 -0.24 -6.86
CA LEU B 226 15.11 0.96 -6.79
C LEU B 226 16.55 0.62 -7.15
N TYR B 227 17.12 -0.39 -6.46
CA TYR B 227 18.49 -0.79 -6.73
C TYR B 227 18.68 -1.16 -8.19
N SER B 228 17.72 -1.91 -8.75
N SER B 228 17.73 -1.92 -8.75
CA SER B 228 17.75 -2.26 -10.17
CA SER B 228 17.76 -2.27 -10.17
C SER B 228 17.79 -1.02 -11.04
C SER B 228 17.79 -1.02 -11.05
N GLY B 229 16.99 -0.01 -10.69
CA GLY B 229 16.95 1.20 -11.48
C GLY B 229 18.27 1.95 -11.48
N LEU B 230 19.04 1.87 -10.36
CA LEU B 230 20.34 2.52 -10.31
C LEU B 230 21.29 1.99 -11.38
N PHE B 231 21.11 0.73 -11.78
CA PHE B 231 21.99 0.07 -12.73
C PHE B 231 21.43 0.16 -14.14
N VAL B 232 20.15 -0.17 -14.31
CA VAL B 232 19.61 -0.30 -15.67
C VAL B 232 19.53 1.06 -16.35
N TYR B 233 19.27 2.13 -15.58
CA TYR B 233 19.04 3.44 -16.18
C TYR B 233 20.16 4.44 -15.89
N ASN B 234 21.34 3.95 -15.53
CA ASN B 234 22.54 4.79 -15.43
C ASN B 234 23.56 4.17 -16.38
N ARG B 235 23.84 4.86 -17.50
CA ARG B 235 24.74 4.27 -18.48
C ARG B 235 26.18 4.15 -17.97
N PHE B 236 26.49 4.71 -16.81
CA PHE B 236 27.82 4.66 -16.22
C PHE B 236 27.95 3.62 -15.11
N ALA B 237 26.86 2.94 -14.75
CA ALA B 237 26.91 2.00 -13.64
C ALA B 237 27.62 0.71 -14.03
N ARG B 238 27.42 0.27 -15.28
CA ARG B 238 28.00 -1.00 -15.73
C ARG B 238 29.51 -1.03 -15.53
N GLN B 239 30.20 0.02 -15.98
CA GLN B 239 31.66 0.07 -15.80
C GLN B 239 32.05 0.07 -14.33
N GLU B 240 31.24 0.70 -13.46
CA GLU B 240 31.61 0.71 -12.05
C GLU B 240 31.42 -0.66 -11.42
N LEU B 241 30.43 -1.42 -11.87
CA LEU B 241 30.32 -2.77 -11.36
C LEU B 241 31.52 -3.61 -11.82
N GLU B 242 31.99 -3.39 -13.06
CA GLU B 242 33.21 -4.10 -13.49
C GLU B 242 34.42 -3.66 -12.68
N ASN B 243 34.58 -2.35 -12.44
CA ASN B 243 35.72 -1.91 -11.64
C ASN B 243 35.70 -2.52 -10.25
N LEU B 244 34.52 -2.71 -9.68
CA LEU B 244 34.44 -3.36 -8.38
C LEU B 244 34.94 -4.79 -8.45
N GLU B 245 34.41 -5.59 -9.40
CA GLU B 245 34.87 -6.98 -9.53
C GLU B 245 36.35 -7.04 -9.86
N HIS B 246 36.82 -6.16 -10.73
CA HIS B 246 38.23 -6.16 -11.11
C HIS B 246 39.12 -5.86 -9.91
N ALA B 247 38.70 -4.92 -9.06
CA ALA B 247 39.48 -4.58 -7.86
C ALA B 247 39.51 -5.73 -6.86
N LEU B 248 38.37 -6.40 -6.66
CA LEU B 248 38.31 -7.55 -5.76
C LEU B 248 39.22 -8.66 -6.21
N HIS B 249 39.23 -8.94 -7.52
CA HIS B 249 40.10 -9.96 -8.06
C HIS B 249 41.57 -9.56 -8.01
N LYS B 250 41.88 -8.27 -8.13
CA LYS B 250 43.27 -7.84 -7.99
C LYS B 250 43.75 -8.09 -6.56
N VAL B 251 42.96 -7.67 -5.57
CA VAL B 251 43.28 -7.94 -4.17
C VAL B 251 43.39 -9.44 -3.93
N LYS B 252 42.42 -10.21 -4.43
CA LYS B 252 42.43 -11.66 -4.21
C LYS B 252 43.71 -12.28 -4.74
N GLU B 253 44.11 -11.94 -5.97
CA GLU B 253 45.31 -12.57 -6.53
C GLU B 253 46.56 -12.23 -5.74
N THR B 254 46.65 -11.01 -5.18
CA THR B 254 47.82 -10.68 -4.39
C THR B 254 47.88 -11.51 -3.12
N LEU B 255 46.71 -11.92 -2.62
CA LEU B 255 46.68 -12.85 -1.49
C LEU B 255 47.23 -14.20 -1.88
N MET B 256 46.89 -14.68 -3.08
CA MET B 256 47.41 -15.97 -3.53
C MET B 256 48.91 -15.93 -3.68
N ILE B 257 49.43 -14.84 -4.23
CA ILE B 257 50.88 -14.70 -4.39
C ILE B 257 51.54 -14.60 -3.03
N GLN B 258 50.90 -13.91 -2.08
CA GLN B 258 51.43 -13.82 -0.72
C GLN B 258 51.34 -15.16 0.00
N ARG B 259 50.27 -15.90 -0.24
CA ARG B 259 50.18 -17.29 0.22
C ARG B 259 51.37 -18.10 -0.27
N THR B 260 51.66 -18.03 -1.57
CA THR B 260 52.78 -18.76 -2.17
C THR B 260 54.13 -18.15 -1.81
PA NAP C . -10.24 -7.52 -0.06
O1A NAP C . -9.78 -7.17 -1.46
O2A NAP C . -11.20 -8.70 -0.02
O5B NAP C . -8.99 -7.91 0.86
C5B NAP C . -7.90 -6.99 0.88
C4B NAP C . -6.89 -7.58 1.89
O4B NAP C . -6.50 -8.76 1.43
C3B NAP C . -5.66 -6.70 1.96
O3B NAP C . -5.29 -6.60 3.26
C2B NAP C . -4.60 -7.49 1.13
O2B NAP C . -3.26 -7.25 1.71
C1B NAP C . -4.90 -8.74 1.31
N9A NAP C . -4.57 -9.56 0.21
C8A NAP C . -5.21 -9.65 -0.98
N7A NAP C . -4.58 -10.55 -1.74
C5A NAP C . -3.54 -11.03 -1.03
C6A NAP C . -2.58 -11.96 -1.35
N6A NAP C . -2.26 -12.80 -2.47
N1A NAP C . -1.62 -12.29 -0.47
C2A NAP C . -1.58 -11.69 0.75
N3A NAP C . -2.55 -10.76 1.09
C4A NAP C . -3.52 -10.43 0.18
O3 NAP C . -10.94 -6.21 0.52
PN NAP C . -11.37 -5.86 2.02
O1N NAP C . -12.59 -5.00 1.89
O2N NAP C . -10.23 -5.15 2.77
O5D NAP C . -11.83 -7.18 2.82
C5D NAP C . -10.92 -7.92 3.58
C4D NAP C . -11.71 -9.14 4.20
O4D NAP C . -12.74 -8.72 4.90
C3D NAP C . -12.31 -9.99 3.09
O3D NAP C . -12.21 -11.30 3.43
C2D NAP C . -13.78 -9.55 3.05
O2D NAP C . -14.52 -10.66 2.36
C1D NAP C . -14.09 -9.33 4.30
N1N NAP C . -15.10 -8.37 4.57
C2N NAP C . -15.10 -7.12 3.99
C3N NAP C . -16.09 -6.19 4.29
C7N NAP C . -16.07 -4.80 3.64
O7N NAP C . -15.19 -4.47 2.83
N7N NAP C . -17.09 -3.83 3.96
C4N NAP C . -17.09 -6.51 5.14
C5N NAP C . -17.12 -7.75 5.72
C6N NAP C . -16.11 -8.67 5.43
P2B NAP C . -2.54 -5.84 1.49
O1X NAP C . -3.51 -4.71 1.78
O2X NAP C . -1.35 -5.75 2.45
O3X NAP C . -2.08 -5.78 0.04
N TYR D . -18.82 -3.25 1.96
CA TYR D . -20.25 -3.22 2.24
C TYR D . -20.57 -2.13 3.23
O TYR D . -21.53 -2.33 3.96
CB TYR D . -20.82 -4.50 2.85
CG TYR D . -20.20 -5.77 2.60
CD1 TYR D . -19.70 -6.46 3.62
CD2 TYR D . -20.16 -6.33 1.41
CE1 TYR D . -19.15 -7.61 3.43
CE2 TYR D . -19.61 -7.48 1.22
CZ TYR D . -19.11 -8.11 2.24
OH TYR D . -18.55 -9.25 2.06
OXT TYR D . -19.89 -1.11 3.33
PA NAP E . 10.48 2.69 -5.43
O1A NAP E . 10.26 1.20 -5.29
O2A NAP E . 11.65 2.99 -6.33
O5B NAP E . 9.17 3.37 -6.07
C5B NAP E . 7.95 3.17 -5.36
C4B NAP E . 6.82 3.94 -6.13
O4B NAP E . 6.82 3.60 -7.39
C3B NAP E . 5.43 3.63 -5.57
O3B NAP E . 4.77 4.82 -5.42
C2B NAP E . 4.77 2.78 -6.68
O2B NAP E . 3.32 3.09 -6.74
C1B NAP E . 5.31 3.19 -7.77
N9A NAP E . 5.44 2.18 -8.76
C8A NAP E . 6.31 1.14 -8.79
N7A NAP E . 6.09 0.45 -9.92
C5A NAP E . 5.08 1.07 -10.59
C6A NAP E . 4.46 0.76 -11.79
N6A NAP E . 4.57 -0.23 -12.82
N1A NAP E . 3.45 1.53 -12.24
C2A NAP E . 3.04 2.62 -11.52
N3A NAP E . 3.66 2.92 -10.32
C4A NAP E . 4.67 2.13 -9.87
O3 NAP E . 10.67 3.18 -3.93
PN NAP E . 10.74 4.68 -3.37
O1N NAP E . 11.68 4.63 -2.18
O2N NAP E . 9.35 5.16 -2.94
O5D NAP E . 11.34 5.65 -4.49
C5D NAP E . 10.45 6.48 -5.19
C4D NAP E . 11.31 7.38 -6.14
O4D NAP E . 12.03 8.22 -5.45
C3D NAP E . 12.33 6.52 -6.91
O3D NAP E . 12.44 7.00 -8.18
C2D NAP E . 13.64 6.73 -6.16
O2D NAP E . 14.71 6.45 -7.17
C1D NAP E . 13.58 7.98 -5.78
N1N NAP E . 14.29 8.26 -4.59
C2N NAP E . 14.14 7.45 -3.49
C3N NAP E . 14.83 7.73 -2.32
C7N NAP E . 14.68 6.83 -1.10
O7N NAP E . 13.93 5.86 -1.07
N7N NAP E . 15.44 7.16 0.07
C4N NAP E . 15.63 8.82 -2.24
C5N NAP E . 15.79 9.64 -3.33
C6N NAP E . 15.10 9.35 -4.50
P2B NAP E . 2.37 2.56 -5.55
O1X NAP E . 1.02 3.26 -5.73
O2X NAP E . 2.19 1.08 -5.64
O3X NAP E . 2.98 2.91 -4.20
N TYR F . 16.74 5.02 1.12
CA TYR F . 18.04 5.29 1.73
C TYR F . 18.08 6.60 2.51
O TYR F . 17.26 6.81 3.39
CB TYR F . 19.14 5.31 0.67
CG TYR F . 18.85 6.07 -0.60
CD1 TYR F . 18.24 5.46 -1.69
CD2 TYR F . 19.22 7.41 -0.73
CE1 TYR F . 18.00 6.14 -2.86
CE2 TYR F . 18.98 8.11 -1.91
CZ TYR F . 18.37 7.46 -2.97
OH TYR F . 18.13 8.12 -4.15
OXT TYR F . 18.96 7.44 2.31
#